data_3LSR
#
_entry.id   3LSR
#
_cell.length_a   79.358
_cell.length_b   79.358
_cell.length_c   145.458
_cell.angle_alpha   90.00
_cell.angle_beta   90.00
_cell.angle_gamma   90.00
#
_symmetry.space_group_name_H-M   'I 41'
#
loop_
_entity.id
_entity.type
_entity.pdbx_description
1 polymer DesT
2 polymer 'DNA (27-MER)'
3 non-polymer 'SULFATE ION'
4 water water
#
loop_
_entity_poly.entity_id
_entity_poly.type
_entity_poly.pdbx_seq_one_letter_code
_entity_poly.pdbx_strand_id
1 'polypeptide(L)'
;MASPRAEQKQQTRHALMSAARHLMESGRGFGSLSLREVTRAAGIVPAGFYRHFSDMDQLGLALVAEVDETFRATLRAVRR
NEFELGGLIDASVRIFLDAVGANRSQFLFLAREQYGGSLPIRQAIASLRQRITDDLAADLALLNKMPHLDGAALDVFADL
VVKTVFATLPELIDPPAADLPPHLMPAAKITHQLRFIMIGGKHWHGLPGSSVDKLAAALE
;
A
2 'polydeoxyribonucleotide'
;(DT)(DG)(DT)(DA)(DC)(DA)(DT)(DC)(DA)(DG)(DT)(DG)(DA)(DA)(DC)(DG)(DC)(DG)(DC)(DG)
(DT)(DT)(DC)(DA)(DC)(DT)(DG)(DA)(DT)(DG)(DT)(DA)(DC)
;
B
#
loop_
_chem_comp.id
_chem_comp.type
_chem_comp.name
_chem_comp.formula
DA DNA linking 2'-DEOXYADENOSINE-5'-MONOPHOSPHATE 'C10 H14 N5 O6 P'
DC DNA linking 2'-DEOXYCYTIDINE-5'-MONOPHOSPHATE 'C9 H14 N3 O7 P'
DG DNA linking 2'-DEOXYGUANOSINE-5'-MONOPHOSPHATE 'C10 H14 N5 O7 P'
DT DNA linking THYMIDINE-5'-MONOPHOSPHATE 'C10 H15 N2 O8 P'
SO4 non-polymer 'SULFATE ION' 'O4 S -2'
#
# COMPACT_ATOMS: atom_id res chain seq x y z
N PRO A 4 -6.18 27.55 -11.93
CA PRO A 4 -5.54 28.10 -13.13
C PRO A 4 -5.35 27.03 -14.21
N ARG A 5 -4.56 27.34 -15.24
CA ARG A 5 -3.98 26.28 -16.08
C ARG A 5 -2.53 26.01 -15.69
N ALA A 6 -2.34 25.86 -14.38
CA ALA A 6 -1.25 25.12 -13.76
C ALA A 6 -1.88 23.78 -13.31
N GLU A 7 -3.13 23.57 -13.76
CA GLU A 7 -3.80 22.28 -13.70
C GLU A 7 -3.19 21.36 -14.75
N GLN A 8 -2.65 21.96 -15.81
CA GLN A 8 -1.93 21.21 -16.83
C GLN A 8 -0.57 20.78 -16.31
N LYS A 9 0.06 21.62 -15.51
CA LYS A 9 1.31 21.23 -14.87
C LYS A 9 1.07 20.00 -14.02
N GLN A 10 -0.04 19.98 -13.31
CA GLN A 10 -0.39 18.86 -12.45
C GLN A 10 -0.68 17.63 -13.29
N GLN A 11 -1.31 17.83 -14.44
CA GLN A 11 -1.67 16.71 -15.31
C GLN A 11 -0.41 16.04 -15.85
N THR A 12 0.62 16.84 -16.08
CA THR A 12 1.91 16.32 -16.53
C THR A 12 2.66 15.60 -15.43
N ARG A 13 2.53 16.10 -14.20
CA ARG A 13 3.12 15.46 -13.04
C ARG A 13 2.48 14.10 -12.82
N HIS A 14 1.18 14.01 -13.06
CA HIS A 14 0.49 12.73 -12.91
C HIS A 14 0.91 11.78 -14.01
N ALA A 15 1.28 12.33 -15.15
CA ALA A 15 1.70 11.53 -16.28
C ALA A 15 3.04 10.86 -16.00
N LEU A 16 3.95 11.62 -15.42
CA LEU A 16 5.27 11.09 -15.09
C LEU A 16 5.06 10.00 -14.07
N MET A 17 4.23 10.30 -13.06
CA MET A 17 3.96 9.35 -11.99
C MET A 17 3.30 8.07 -12.49
N SER A 18 2.17 8.23 -13.18
CA SER A 18 1.49 7.10 -13.77
C SER A 18 2.40 6.38 -14.76
N ALA A 19 3.25 7.13 -15.47
CA ALA A 19 4.20 6.51 -16.42
C ALA A 19 5.22 5.62 -15.76
N ALA A 20 5.83 6.06 -14.66
CA ALA A 20 6.80 5.25 -13.90
C ALA A 20 6.17 3.97 -13.31
N ARG A 21 5.04 4.12 -12.61
CA ARG A 21 4.29 2.94 -12.10
C ARG A 21 4.02 1.92 -13.22
N HIS A 22 3.46 2.41 -14.34
CA HIS A 22 3.07 1.51 -15.41
C HIS A 22 4.24 0.83 -16.09
N LEU A 23 5.35 1.55 -16.23
CA LEU A 23 6.59 0.98 -16.73
C LEU A 23 7.12 -0.16 -15.86
N MET A 24 6.54 -0.33 -14.69
CA MET A 24 6.99 -1.35 -13.75
C MET A 24 6.21 -2.65 -13.91
N GLU A 25 5.02 -2.55 -14.47
CA GLU A 25 4.12 -3.68 -14.57
C GLU A 25 4.74 -4.84 -15.34
N SER A 26 6.00 -4.70 -15.73
CA SER A 26 6.66 -5.76 -16.48
C SER A 26 7.76 -6.44 -15.68
N GLY A 27 7.71 -6.30 -14.36
CA GLY A 27 8.65 -6.97 -13.49
C GLY A 27 9.83 -6.13 -13.07
N ARG A 28 10.04 -5.02 -13.76
CA ARG A 28 11.14 -4.08 -13.47
C ARG A 28 10.90 -3.20 -12.22
N GLY A 29 11.98 -2.83 -11.54
CA GLY A 29 11.89 -2.04 -10.32
C GLY A 29 12.18 -0.57 -10.50
N PHE A 30 11.62 0.25 -9.62
CA PHE A 30 11.70 1.68 -9.75
C PHE A 30 13.14 2.22 -9.86
N GLY A 31 14.07 1.53 -9.20
CA GLY A 31 15.47 1.97 -9.21
C GLY A 31 16.10 1.79 -10.57
N SER A 32 15.53 0.89 -11.37
CA SER A 32 16.09 0.61 -12.67
C SER A 32 15.57 1.54 -13.78
N LEU A 33 14.53 2.32 -13.50
CA LEU A 33 13.93 3.20 -14.52
C LEU A 33 14.78 4.41 -14.73
N SER A 34 15.05 4.74 -15.97
CA SER A 34 15.78 5.98 -16.27
C SER A 34 14.80 7.14 -16.39
N LEU A 35 15.29 8.32 -16.00
CA LEU A 35 14.60 9.58 -16.20
C LEU A 35 14.16 9.72 -17.65
N ARG A 36 15.03 9.30 -18.55
CA ARG A 36 14.75 9.47 -19.96
C ARG A 36 13.57 8.61 -20.39
N GLU A 37 13.53 7.38 -19.91
CA GLU A 37 12.47 6.52 -20.41
C GLU A 37 11.11 6.92 -19.85
N VAL A 38 11.12 7.42 -18.61
CA VAL A 38 9.92 7.88 -17.93
C VAL A 38 9.36 9.13 -18.66
N THR A 39 10.22 10.11 -18.92
CA THR A 39 9.83 11.25 -19.75
C THR A 39 9.35 10.81 -21.14
N ARG A 40 10.09 9.89 -21.77
CA ARG A 40 9.65 9.33 -23.06
C ARG A 40 8.24 8.76 -22.97
N ALA A 41 7.98 7.99 -21.91
CA ALA A 41 6.68 7.37 -21.74
C ALA A 41 5.59 8.38 -21.46
N ALA A 42 5.94 9.43 -20.71
CA ALA A 42 4.95 10.43 -20.28
C ALA A 42 4.72 11.55 -21.28
N GLY A 43 5.67 11.75 -22.20
CA GLY A 43 5.47 12.73 -23.29
C GLY A 43 6.08 14.09 -23.03
N ILE A 44 7.21 14.11 -22.34
CA ILE A 44 7.99 15.32 -22.27
C ILE A 44 9.40 14.98 -22.67
N VAL A 45 10.12 16.02 -23.04
CA VAL A 45 11.49 15.90 -23.46
C VAL A 45 12.29 15.82 -22.13
N PRO A 46 13.42 15.07 -22.09
CA PRO A 46 14.06 14.78 -20.78
C PRO A 46 14.16 15.95 -19.76
N ALA A 47 14.70 17.10 -20.17
CA ALA A 47 14.93 18.21 -19.24
C ALA A 47 13.64 18.75 -18.61
N GLY A 48 12.49 18.37 -19.18
CA GLY A 48 11.18 18.79 -18.69
C GLY A 48 10.71 18.06 -17.45
N PHE A 49 11.46 17.04 -17.05
CA PHE A 49 11.27 16.31 -15.79
C PHE A 49 11.49 17.27 -14.62
N TYR A 50 12.43 18.20 -14.80
CA TYR A 50 12.91 19.05 -13.70
C TYR A 50 11.95 20.15 -13.29
N ARG A 51 10.90 20.35 -14.08
CA ARG A 51 9.84 21.26 -13.68
C ARG A 51 8.92 20.58 -12.68
N HIS A 52 9.06 19.26 -12.53
CA HIS A 52 8.16 18.51 -11.66
C HIS A 52 8.87 17.88 -10.48
N PHE A 53 10.06 17.32 -10.71
CA PHE A 53 10.86 16.70 -9.66
C PHE A 53 12.34 17.00 -9.90
N SER A 54 13.10 17.10 -8.80
CA SER A 54 14.53 17.40 -8.91
C SER A 54 15.29 16.18 -9.45
N ASP A 55 14.75 15.00 -9.20
CA ASP A 55 15.38 13.74 -9.62
C ASP A 55 14.40 12.58 -9.49
N MET A 56 14.83 11.38 -9.88
CA MET A 56 14.00 10.19 -9.83
C MET A 56 13.56 9.77 -8.41
N ASP A 57 14.46 9.93 -7.45
CA ASP A 57 14.18 9.64 -6.04
C ASP A 57 12.94 10.39 -5.60
N GLN A 58 12.85 11.64 -6.01
CA GLN A 58 11.77 12.50 -5.58
C GLN A 58 10.48 12.03 -6.17
N LEU A 59 10.51 11.59 -7.43
CA LEU A 59 9.36 10.95 -8.02
C LEU A 59 8.97 9.71 -7.21
N GLY A 60 9.94 8.85 -6.91
CA GLY A 60 9.72 7.71 -6.04
C GLY A 60 8.98 8.11 -4.78
N LEU A 61 9.43 9.18 -4.12
CA LEU A 61 8.80 9.61 -2.87
C LEU A 61 7.35 9.99 -3.09
N ALA A 62 7.07 10.73 -4.14
CA ALA A 62 5.71 11.08 -4.52
C ALA A 62 4.83 9.85 -4.83
N LEU A 63 5.43 8.75 -5.30
CA LEU A 63 4.69 7.55 -5.56
C LEU A 63 4.30 6.85 -4.25
N VAL A 64 5.16 6.90 -3.25
CA VAL A 64 4.84 6.40 -1.91
C VAL A 64 3.66 7.15 -1.29
N ALA A 65 3.72 8.48 -1.34
CA ALA A 65 2.64 9.32 -0.84
C ALA A 65 1.33 9.03 -1.57
N GLU A 66 1.39 8.80 -2.88
CA GLU A 66 0.17 8.54 -3.63
C GLU A 66 -0.49 7.24 -3.17
N VAL A 67 0.31 6.17 -3.06
CA VAL A 67 -0.22 4.88 -2.64
C VAL A 67 -0.66 4.85 -1.16
N ASP A 68 0.09 5.56 -0.32
CA ASP A 68 -0.23 5.73 1.09
C ASP A 68 -1.65 6.26 1.21
N GLU A 69 -1.89 7.37 0.54
CA GLU A 69 -3.23 7.97 0.49
C GLU A 69 -4.32 6.99 0.04
N THR A 70 -4.03 6.17 -0.95
CA THR A 70 -4.99 5.19 -1.46
C THR A 70 -5.16 4.04 -0.47
N PHE A 71 -4.04 3.61 0.11
CA PHE A 71 -4.05 2.51 1.05
C PHE A 71 -4.87 2.90 2.28
N ARG A 72 -4.70 4.13 2.75
CA ARG A 72 -5.37 4.60 3.96
C ARG A 72 -6.84 4.79 3.73
N ALA A 73 -7.22 5.18 2.51
CA ALA A 73 -8.65 5.30 2.16
C ALA A 73 -9.34 3.93 2.16
N THR A 74 -8.65 2.91 1.72
CA THR A 74 -9.17 1.55 1.77
C THR A 74 -9.37 1.08 3.20
N LEU A 75 -8.35 1.30 4.04
CA LEU A 75 -8.37 0.86 5.43
C LEU A 75 -9.43 1.62 6.24
N ARG A 76 -9.65 2.90 5.95
CA ARG A 76 -10.80 3.61 6.48
C ARG A 76 -12.12 2.97 6.08
N ALA A 77 -12.24 2.51 4.84
CA ALA A 77 -13.45 1.76 4.45
C ALA A 77 -13.58 0.45 5.24
N VAL A 78 -12.48 -0.28 5.42
CA VAL A 78 -12.48 -1.50 6.22
C VAL A 78 -12.81 -1.17 7.68
N ARG A 79 -12.36 -0.01 8.14
CA ARG A 79 -12.56 0.42 9.52
C ARG A 79 -14.03 0.74 9.76
N ARG A 80 -14.68 1.25 8.72
CA ARG A 80 -16.10 1.58 8.77
C ARG A 80 -17.00 0.35 8.93
N ASN A 81 -16.50 -0.84 8.54
CA ASN A 81 -17.24 -2.09 8.65
C ASN A 81 -16.98 -2.91 9.90
N GLU A 82 -16.03 -2.48 10.73
CA GLU A 82 -15.61 -3.30 11.88
C GLU A 82 -16.53 -3.14 13.08
N PHE A 83 -17.47 -2.20 12.99
CA PHE A 83 -18.37 -1.94 14.10
C PHE A 83 -19.62 -2.79 13.99
N GLU A 84 -19.80 -3.42 12.84
CA GLU A 84 -20.89 -4.35 12.64
C GLU A 84 -20.55 -5.67 13.32
N LEU A 85 -21.45 -6.64 13.24
CA LEU A 85 -21.19 -7.94 13.85
C LEU A 85 -21.20 -9.07 12.82
N GLY A 86 -20.24 -9.97 12.92
CA GLY A 86 -20.16 -11.12 12.05
C GLY A 86 -19.69 -10.82 10.64
N GLY A 87 -18.95 -11.77 10.07
CA GLY A 87 -18.50 -11.66 8.69
C GLY A 87 -17.52 -10.53 8.49
N LEU A 88 -16.94 -10.05 9.58
CA LEU A 88 -15.96 -8.95 9.51
C LEU A 88 -14.83 -9.24 8.52
N ILE A 89 -14.26 -10.43 8.57
CA ILE A 89 -13.11 -10.78 7.71
C ILE A 89 -13.49 -10.79 6.24
N ASP A 90 -14.47 -11.61 5.87
CA ASP A 90 -14.93 -11.70 4.48
C ASP A 90 -15.27 -10.35 3.85
N ALA A 91 -16.02 -9.52 4.57
CA ALA A 91 -16.40 -8.21 4.06
C ALA A 91 -15.20 -7.32 3.77
N SER A 92 -14.24 -7.29 4.71
CA SER A 92 -13.07 -6.42 4.56
C SER A 92 -12.07 -6.93 3.54
N VAL A 93 -11.93 -8.25 3.43
CA VAL A 93 -11.12 -8.80 2.38
C VAL A 93 -11.66 -8.35 1.04
N ARG A 94 -12.98 -8.25 0.95
CA ARG A 94 -13.64 -7.85 -0.28
C ARG A 94 -13.41 -6.38 -0.59
N ILE A 95 -13.57 -5.55 0.43
CA ILE A 95 -13.32 -4.13 0.32
C ILE A 95 -11.86 -3.93 -0.13
N PHE A 96 -10.95 -4.65 0.52
CA PHE A 96 -9.54 -4.54 0.20
C PHE A 96 -9.24 -4.96 -1.23
N LEU A 97 -9.69 -6.15 -1.62
CA LEU A 97 -9.44 -6.67 -2.96
C LEU A 97 -10.01 -5.77 -4.03
N ASP A 98 -11.14 -5.11 -3.76
CA ASP A 98 -11.66 -4.16 -4.72
C ASP A 98 -10.72 -2.98 -4.88
N ALA A 99 -10.24 -2.43 -3.76
CA ALA A 99 -9.35 -1.27 -3.82
C ALA A 99 -8.04 -1.59 -4.56
N VAL A 100 -7.49 -2.78 -4.35
CA VAL A 100 -6.32 -3.21 -5.11
C VAL A 100 -6.67 -3.28 -6.60
N GLY A 101 -7.77 -3.96 -6.92
CA GLY A 101 -8.24 -4.08 -8.30
C GLY A 101 -8.30 -2.72 -8.95
N ALA A 102 -8.91 -1.75 -8.26
CA ALA A 102 -9.15 -0.42 -8.79
C ALA A 102 -7.89 0.43 -8.90
N ASN A 103 -6.77 -0.08 -8.39
CA ASN A 103 -5.52 0.70 -8.31
C ASN A 103 -4.30 -0.19 -8.46
N ARG A 104 -4.38 -1.17 -9.35
CA ARG A 104 -3.31 -2.14 -9.53
C ARG A 104 -1.91 -1.54 -9.51
N SER A 105 -1.63 -0.55 -10.35
CA SER A 105 -0.24 -0.08 -10.49
C SER A 105 0.31 0.58 -9.23
N GLN A 106 -0.55 1.24 -8.45
CA GLN A 106 -0.12 1.84 -7.19
C GLN A 106 0.34 0.75 -6.21
N PHE A 107 -0.49 -0.26 -5.99
CA PHE A 107 -0.13 -1.37 -5.13
C PHE A 107 1.00 -2.20 -5.71
N LEU A 108 1.11 -2.20 -7.04
CA LEU A 108 2.25 -2.84 -7.68
C LEU A 108 3.52 -2.12 -7.25
N PHE A 109 3.53 -0.81 -7.32
CA PHE A 109 4.70 -0.04 -6.91
C PHE A 109 5.07 -0.38 -5.48
N LEU A 110 4.08 -0.33 -4.59
CA LEU A 110 4.26 -0.63 -3.17
C LEU A 110 4.77 -2.04 -2.93
N ALA A 111 4.15 -3.02 -3.57
CA ALA A 111 4.57 -4.40 -3.40
C ALA A 111 5.99 -4.59 -3.87
N ARG A 112 6.33 -3.95 -4.99
CA ARG A 112 7.65 -4.15 -5.59
C ARG A 112 8.75 -3.41 -4.83
N GLU A 113 8.42 -2.22 -4.29
CA GLU A 113 9.40 -1.38 -3.62
C GLU A 113 9.45 -1.58 -2.10
N GLN A 114 8.50 -2.33 -1.57
CA GLN A 114 8.37 -2.49 -0.11
C GLN A 114 9.66 -2.88 0.59
N TYR A 115 10.59 -3.49 -0.16
CA TYR A 115 11.94 -3.75 0.36
C TYR A 115 13.08 -3.38 -0.62
N GLY A 116 12.78 -3.34 -1.92
CA GLY A 116 13.80 -3.19 -2.97
C GLY A 116 14.33 -1.83 -3.43
N GLY A 117 13.74 -0.74 -2.93
CA GLY A 117 14.05 0.62 -3.43
C GLY A 117 15.36 1.24 -2.96
N SER A 118 15.44 2.57 -3.08
CA SER A 118 16.55 3.36 -2.53
C SER A 118 16.31 3.57 -1.04
N LEU A 119 17.08 4.45 -0.41
CA LEU A 119 16.95 4.67 1.03
C LEU A 119 15.68 5.46 1.34
N PRO A 120 15.60 6.72 0.90
CA PRO A 120 14.45 7.53 1.30
C PRO A 120 13.11 6.86 0.95
N ILE A 121 13.13 5.97 -0.04
CA ILE A 121 11.95 5.20 -0.44
C ILE A 121 11.71 4.04 0.54
N ARG A 122 12.77 3.34 0.92
CA ARG A 122 12.62 2.28 1.94
C ARG A 122 12.07 2.85 3.24
N GLN A 123 12.54 4.04 3.60
CA GLN A 123 12.16 4.72 4.84
C GLN A 123 10.73 5.24 4.82
N ALA A 124 10.32 5.80 3.67
CA ALA A 124 8.97 6.32 3.52
C ALA A 124 7.95 5.17 3.61
N ILE A 125 8.36 3.99 3.14
CA ILE A 125 7.50 2.82 3.14
C ILE A 125 7.39 2.18 4.52
N ALA A 126 8.52 1.96 5.16
CA ALA A 126 8.57 1.55 6.58
C ALA A 126 7.68 2.44 7.45
N SER A 127 7.73 3.75 7.22
CA SER A 127 6.86 4.72 7.90
C SER A 127 5.38 4.53 7.64
N LEU A 128 5.00 4.34 6.37
CA LEU A 128 3.60 4.22 6.11
C LEU A 128 3.10 2.91 6.70
N ARG A 129 3.99 1.92 6.75
CA ARG A 129 3.66 0.62 7.28
C ARG A 129 3.48 0.64 8.79
N GLN A 130 4.36 1.35 9.50
CA GLN A 130 4.25 1.48 10.93
C GLN A 130 2.93 2.18 11.28
N ARG A 131 2.61 3.27 10.59
CA ARG A 131 1.32 3.92 10.81
C ARG A 131 0.16 2.93 10.64
N ILE A 132 0.21 2.12 9.57
CA ILE A 132 -0.88 1.18 9.28
C ILE A 132 -0.98 0.22 10.47
N THR A 133 0.18 -0.27 10.90
CA THR A 133 0.25 -1.21 12.00
C THR A 133 -0.25 -0.58 13.29
N ASP A 134 0.24 0.62 13.61
CA ASP A 134 -0.27 1.34 14.80
C ASP A 134 -1.79 1.55 14.75
N ASP A 135 -2.32 1.93 13.59
CA ASP A 135 -3.76 2.08 13.46
C ASP A 135 -4.49 0.76 13.69
N LEU A 136 -3.92 -0.35 13.23
CA LEU A 136 -4.54 -1.64 13.49
C LEU A 136 -4.54 -1.96 14.99
N ALA A 137 -3.39 -1.83 15.64
CA ALA A 137 -3.32 -2.07 17.07
C ALA A 137 -4.30 -1.18 17.83
N ALA A 138 -4.54 0.05 17.35
CA ALA A 138 -5.49 0.95 18.02
C ALA A 138 -6.96 0.56 17.75
N ASP A 139 -7.27 0.12 16.52
CA ASP A 139 -8.59 -0.41 16.22
C ASP A 139 -8.89 -1.58 17.16
N LEU A 140 -8.02 -2.59 17.17
CA LEU A 140 -8.25 -3.79 17.96
C LEU A 140 -8.46 -3.46 19.45
N ALA A 141 -7.62 -2.57 19.97
CA ALA A 141 -7.69 -2.17 21.37
C ALA A 141 -9.02 -1.51 21.67
N LEU A 142 -9.50 -0.71 20.72
CA LEU A 142 -10.70 0.09 20.92
C LEU A 142 -11.92 -0.76 21.20
N LEU A 143 -12.09 -1.81 20.42
CA LEU A 143 -13.28 -2.63 20.52
C LEU A 143 -13.10 -3.87 21.37
N ASN A 144 -12.04 -3.91 22.15
CA ASN A 144 -11.79 -5.04 23.02
C ASN A 144 -12.00 -6.35 22.30
N LYS A 145 -11.62 -6.39 21.03
CA LYS A 145 -11.84 -7.55 20.19
C LYS A 145 -10.88 -8.69 20.50
N MET A 146 -9.78 -8.38 21.18
CA MET A 146 -8.80 -9.37 21.52
C MET A 146 -8.42 -9.25 23.01
N PRO A 147 -9.38 -9.56 23.92
CA PRO A 147 -9.26 -9.23 25.35
C PRO A 147 -8.04 -9.84 26.05
N HIS A 148 -7.66 -11.06 25.66
CA HIS A 148 -6.50 -11.73 26.21
C HIS A 148 -5.16 -11.10 25.80
N LEU A 149 -5.21 -10.02 25.02
CA LEU A 149 -3.98 -9.41 24.50
C LEU A 149 -3.76 -8.01 25.07
N ASP A 150 -2.63 -7.84 25.78
CA ASP A 150 -2.26 -6.52 26.27
C ASP A 150 -1.61 -5.69 25.16
N GLY A 151 -1.24 -4.45 25.48
CA GLY A 151 -0.72 -3.51 24.48
C GLY A 151 0.47 -4.03 23.70
N ALA A 152 1.36 -4.74 24.40
CA ALA A 152 2.56 -5.26 23.77
C ALA A 152 2.21 -6.40 22.81
N ALA A 153 1.22 -7.20 23.18
CA ALA A 153 0.80 -8.34 22.40
C ALA A 153 0.08 -7.91 21.13
N LEU A 154 -0.83 -6.93 21.27
CA LEU A 154 -1.53 -6.35 20.12
C LEU A 154 -0.58 -5.80 19.05
N ASP A 155 0.50 -5.16 19.49
CA ASP A 155 1.49 -4.63 18.57
C ASP A 155 2.09 -5.73 17.74
N VAL A 156 2.37 -6.85 18.40
CA VAL A 156 2.95 -8.03 17.75
C VAL A 156 1.92 -8.69 16.84
N PHE A 157 0.67 -8.71 17.28
CA PHE A 157 -0.42 -9.26 16.49
C PHE A 157 -0.69 -8.41 15.24
N ALA A 158 -0.86 -7.11 15.45
CA ALA A 158 -1.10 -6.22 14.35
C ALA A 158 0.07 -6.26 13.37
N ASP A 159 1.31 -6.36 13.87
CA ASP A 159 2.46 -6.51 12.97
C ASP A 159 2.36 -7.77 12.09
N LEU A 160 1.83 -8.85 12.66
CA LEU A 160 1.69 -10.10 11.94
C LEU A 160 0.62 -9.97 10.85
N VAL A 161 -0.46 -9.25 11.15
CA VAL A 161 -1.54 -9.06 10.18
C VAL A 161 -1.09 -8.16 9.03
N VAL A 162 -0.36 -7.10 9.34
CA VAL A 162 0.02 -6.15 8.28
C VAL A 162 1.07 -6.78 7.35
N LYS A 163 2.05 -7.43 7.99
CA LYS A 163 3.04 -8.24 7.31
C LYS A 163 2.40 -9.23 6.35
N THR A 164 1.40 -9.98 6.82
CA THR A 164 0.69 -10.90 5.98
C THR A 164 0.06 -10.17 4.77
N VAL A 165 -0.60 -9.04 5.03
CA VAL A 165 -1.22 -8.28 3.95
C VAL A 165 -0.19 -7.80 2.93
N PHE A 166 0.82 -7.10 3.41
CA PHE A 166 1.90 -6.64 2.54
C PHE A 166 2.49 -7.79 1.77
N ALA A 167 2.66 -8.94 2.40
CA ALA A 167 3.31 -10.05 1.73
C ALA A 167 2.37 -10.74 0.76
N THR A 168 1.08 -10.41 0.84
CA THR A 168 0.08 -10.99 -0.06
C THR A 168 -0.15 -10.13 -1.31
N LEU A 169 0.22 -8.85 -1.25
CA LEU A 169 0.10 -7.94 -2.38
C LEU A 169 0.64 -8.49 -3.72
N PRO A 170 1.87 -9.05 -3.71
CA PRO A 170 2.37 -9.52 -5.00
C PRO A 170 1.41 -10.49 -5.69
N GLU A 171 0.75 -11.34 -4.90
CA GLU A 171 -0.17 -12.36 -5.41
C GLU A 171 -1.46 -11.77 -5.95
N LEU A 172 -1.80 -10.56 -5.51
CA LEU A 172 -3.07 -9.95 -5.87
C LEU A 172 -2.97 -9.10 -7.12
N ILE A 173 -1.75 -8.94 -7.64
CA ILE A 173 -1.53 -8.14 -8.85
C ILE A 173 -1.11 -8.98 -10.06
N ASP A 174 -0.04 -9.78 -9.91
CA ASP A 174 0.46 -10.59 -11.03
C ASP A 174 -0.73 -11.35 -11.64
N PRO A 175 -1.32 -12.31 -10.89
CA PRO A 175 -2.45 -13.10 -11.42
C PRO A 175 -3.80 -12.62 -10.89
N PRO A 186 -7.37 -16.52 -4.45
CA PRO A 186 -6.87 -15.36 -3.70
C PRO A 186 -7.81 -14.97 -2.55
N ALA A 187 -8.99 -14.41 -2.87
CA ALA A 187 -9.97 -13.99 -1.86
C ALA A 187 -10.22 -15.02 -0.77
N ALA A 188 -10.47 -16.26 -1.19
CA ALA A 188 -10.77 -17.32 -0.23
C ALA A 188 -9.52 -17.70 0.56
N LYS A 189 -8.41 -17.80 -0.15
CA LYS A 189 -7.11 -18.14 0.42
C LYS A 189 -6.62 -17.13 1.49
N ILE A 190 -6.68 -15.83 1.16
CA ILE A 190 -6.29 -14.79 2.10
C ILE A 190 -7.24 -14.71 3.28
N THR A 191 -8.51 -14.98 3.02
CA THR A 191 -9.52 -14.97 4.06
C THR A 191 -9.25 -16.13 4.97
N HIS A 192 -8.96 -17.28 4.36
CA HIS A 192 -8.65 -18.47 5.11
C HIS A 192 -7.44 -18.22 6.00
N GLN A 193 -6.44 -17.54 5.45
CA GLN A 193 -5.21 -17.28 6.16
C GLN A 193 -5.39 -16.29 7.30
N LEU A 194 -6.15 -15.22 7.06
CA LEU A 194 -6.44 -14.27 8.12
C LEU A 194 -7.25 -14.90 9.25
N ARG A 195 -8.08 -15.89 8.93
CA ARG A 195 -8.77 -16.64 9.99
C ARG A 195 -7.82 -17.38 10.95
N PHE A 196 -6.82 -18.09 10.41
CA PHE A 196 -5.81 -18.74 11.24
C PHE A 196 -5.20 -17.74 12.21
N ILE A 197 -4.94 -16.53 11.74
CA ILE A 197 -4.33 -15.52 12.57
C ILE A 197 -5.28 -15.05 13.65
N MET A 198 -6.51 -14.70 13.25
CA MET A 198 -7.55 -14.27 14.19
C MET A 198 -7.85 -15.34 15.27
N ILE A 199 -8.12 -16.56 14.83
CA ILE A 199 -8.24 -17.68 15.77
C ILE A 199 -7.07 -17.74 16.76
N GLY A 200 -5.85 -17.56 16.28
CA GLY A 200 -4.68 -17.52 17.15
C GLY A 200 -4.66 -16.40 18.17
N GLY A 201 -5.19 -15.24 17.78
CA GLY A 201 -5.37 -14.12 18.69
C GLY A 201 -6.45 -14.37 19.73
N LYS A 202 -7.55 -14.97 19.31
CA LYS A 202 -8.67 -15.31 20.21
C LYS A 202 -8.25 -16.28 21.30
N HIS A 203 -7.63 -17.39 20.91
CA HIS A 203 -7.30 -18.46 21.84
C HIS A 203 -5.92 -18.29 22.47
N TRP A 204 -5.39 -17.06 22.46
CA TRP A 204 -4.06 -16.80 23.01
C TRP A 204 -3.99 -17.04 24.52
N HIS A 205 -2.94 -17.76 24.92
CA HIS A 205 -2.66 -18.22 26.29
C HIS A 205 -2.80 -19.76 26.42
S SO4 C . -3.41 6.13 -13.11
O1 SO4 C . -3.15 7.22 -12.17
O2 SO4 C . -2.54 4.99 -12.84
O3 SO4 C . -4.81 5.72 -12.95
O4 SO4 C . -3.17 6.63 -14.46
S SO4 D . -15.65 -13.31 11.25
O1 SO4 D . -16.53 -12.34 11.90
O2 SO4 D . -16.23 -14.65 11.35
O3 SO4 D . -15.49 -12.97 9.84
O4 SO4 D . -14.35 -13.29 11.92
#